data_5H10
#
_entry.id   5H10
#
_cell.length_a   77.210
_cell.length_b   79.034
_cell.length_c   113.380
_cell.angle_alpha   90.00
_cell.angle_beta   90.00
_cell.angle_gamma   90.00
#
_symmetry.space_group_name_H-M   'P 21 21 21'
#
loop_
_entity.id
_entity.type
_entity.pdbx_description
1 polymer 'TNF receptor-associated factor 1'
2 polymer 'TRAF family member-associated NF-kappaB activator'
#
loop_
_entity_poly.entity_id
_entity_poly.type
_entity_poly.pdbx_seq_one_letter_code
_entity_poly.pdbx_strand_id
1 'polypeptide(L)'
;HQSQLDRERILSLEQRVVELQQTLAQKDQALGKLEQSLRLMEEASFDGTFLWKITNVTRRCHESACGRTVSLFSPAFYTA
KYGYKLCLRLYLNGDGTGKRTHLSLFIVIMRGEYDALLPWPFRNKVTFMLLDQNNREHAIDAFRPDLSSASFQRPQSETN
VASGCPLFFPLSKLQSPKHAYVKDDTMFLKCIVETSTLEHHHHHH
;
A,B,C
2 'polypeptide(L)' SVPIQCTD D,E,F
#
# COMPACT_ATOMS: atom_id res chain seq x y z
N LEU A 5 49.82 -18.87 17.81
CA LEU A 5 48.92 -18.78 16.67
C LEU A 5 47.78 -17.81 16.92
N ASP A 6 47.96 -16.90 17.88
CA ASP A 6 46.96 -15.87 18.13
C ASP A 6 46.83 -14.94 16.94
N ARG A 7 47.91 -14.75 16.18
CA ARG A 7 47.86 -13.88 15.01
C ARG A 7 46.88 -14.41 13.96
N GLU A 8 46.83 -15.73 13.78
CA GLU A 8 45.91 -16.31 12.82
C GLU A 8 44.45 -16.07 13.22
N ARG A 9 44.14 -16.33 14.49
CA ARG A 9 42.78 -16.10 14.99
C ARG A 9 42.40 -14.63 14.90
N ILE A 10 43.35 -13.73 15.21
CA ILE A 10 43.06 -12.30 15.17
C ILE A 10 42.81 -11.85 13.74
N LEU A 11 43.60 -12.35 12.79
CA LEU A 11 43.38 -11.98 11.39
C LEU A 11 42.06 -12.53 10.88
N SER A 12 41.71 -13.76 11.26
CA SER A 12 40.40 -14.31 10.87
C SER A 12 39.27 -13.46 11.44
N LEU A 13 39.39 -13.05 12.71
CA LEU A 13 38.39 -12.16 13.29
C LEU A 13 38.30 -10.85 12.55
N GLU A 14 39.45 -10.26 12.20
CA GLU A 14 39.45 -9.03 11.41
C GLU A 14 38.70 -9.22 10.10
N GLN A 15 38.94 -10.35 9.43
CA GLN A 15 38.25 -10.64 8.17
C GLN A 15 36.74 -10.70 8.38
N ARG A 16 36.29 -11.49 9.37
CA ARG A 16 34.86 -11.63 9.59
C ARG A 16 34.21 -10.33 10.04
N VAL A 17 34.94 -9.48 10.75
CA VAL A 17 34.37 -8.22 11.22
C VAL A 17 34.22 -7.24 10.05
N VAL A 18 35.24 -7.14 9.20
CA VAL A 18 35.11 -6.29 8.01
C VAL A 18 33.98 -6.80 7.12
N GLU A 19 33.88 -8.13 6.97
CA GLU A 19 32.78 -8.70 6.21
C GLU A 19 31.43 -8.32 6.81
N LEU A 20 31.31 -8.39 8.14
CA LEU A 20 30.06 -8.02 8.79
C LEU A 20 29.74 -6.54 8.60
N GLN A 21 30.76 -5.68 8.58
CA GLN A 21 30.50 -4.27 8.34
C GLN A 21 30.00 -4.03 6.91
N GLN A 22 30.64 -4.68 5.93
CA GLN A 22 30.21 -4.54 4.54
C GLN A 22 28.77 -5.04 4.37
N THR A 23 28.52 -6.31 4.73
CA THR A 23 27.19 -6.89 4.60
C THR A 23 26.14 -6.07 5.35
N LEU A 24 26.48 -5.65 6.58
CA LEU A 24 25.55 -4.83 7.35
C LEU A 24 25.22 -3.53 6.62
N ALA A 25 26.23 -2.91 5.99
CA ALA A 25 25.97 -1.71 5.21
C ALA A 25 25.03 -1.98 4.05
N GLN A 26 25.24 -3.11 3.35
CA GLN A 26 24.36 -3.46 2.25
C GLN A 26 22.92 -3.68 2.74
N LYS A 27 22.77 -4.29 3.91
CA LYS A 27 21.43 -4.50 4.47
C LYS A 27 20.79 -3.17 4.85
N ASP A 28 21.57 -2.23 5.38
CA ASP A 28 21.03 -0.91 5.67
C ASP A 28 20.56 -0.22 4.40
N GLN A 29 21.34 -0.33 3.32
CA GLN A 29 20.91 0.23 2.04
C GLN A 29 19.60 -0.40 1.58
N ALA A 30 19.52 -1.73 1.60
CA ALA A 30 18.29 -2.40 1.17
C ALA A 30 17.10 -1.99 2.02
N LEU A 31 17.31 -1.81 3.32
CA LEU A 31 16.24 -1.33 4.18
C LEU A 31 15.79 0.07 3.78
N GLY A 32 16.73 0.97 3.51
CA GLY A 32 16.36 2.29 3.03
C GLY A 32 15.57 2.24 1.74
N LYS A 33 15.96 1.35 0.82
CA LYS A 33 15.20 1.20 -0.42
C LYS A 33 13.79 0.68 -0.15
N LEU A 34 13.65 -0.24 0.81
CA LEU A 34 12.32 -0.73 1.17
C LEU A 34 11.45 0.39 1.71
N GLU A 35 12.01 1.23 2.59
CA GLU A 35 11.26 2.36 3.11
C GLU A 35 10.85 3.31 1.99
N GLN A 36 11.75 3.55 1.03
CA GLN A 36 11.40 4.40 -0.10
C GLN A 36 10.28 3.77 -0.93
N SER A 37 10.31 2.44 -1.10
CA SER A 37 9.24 1.75 -1.81
C SER A 37 7.91 1.97 -1.11
N LEU A 38 7.90 1.82 0.22
CA LEU A 38 6.67 2.06 0.98
C LEU A 38 6.17 3.48 0.78
N ARG A 39 7.07 4.46 0.80
CA ARG A 39 6.66 5.83 0.55
C ARG A 39 6.09 5.99 -0.86
N LEU A 40 6.65 5.27 -1.83
CA LEU A 40 6.15 5.37 -3.20
C LEU A 40 4.75 4.78 -3.33
N MET A 41 4.49 3.65 -2.65
CA MET A 41 3.15 3.09 -2.68
C MET A 41 2.15 3.98 -1.95
N GLU A 42 2.59 4.65 -0.87
CA GLU A 42 1.68 5.47 -0.08
C GLU A 42 1.13 6.63 -0.90
N GLU A 43 1.94 7.21 -1.79
CA GLU A 43 1.55 8.38 -2.54
C GLU A 43 1.18 8.08 -3.99
N ALA A 44 0.93 6.81 -4.32
CA ALA A 44 0.52 6.47 -5.67
C ALA A 44 -0.98 6.64 -5.84
N SER A 45 -1.38 7.21 -6.98
CA SER A 45 -2.78 7.43 -7.30
C SER A 45 -3.16 6.58 -8.51
N PHE A 46 -4.38 6.02 -8.48
CA PHE A 46 -4.82 5.08 -9.49
C PHE A 46 -6.08 5.52 -10.22
N ASP A 47 -6.39 6.82 -10.20
CA ASP A 47 -7.56 7.34 -10.91
C ASP A 47 -7.22 8.43 -11.91
N GLY A 48 -5.93 8.63 -12.23
CA GLY A 48 -5.51 9.67 -13.14
C GLY A 48 -5.32 11.03 -12.51
N THR A 49 -5.75 11.22 -11.28
CA THR A 49 -5.58 12.49 -10.56
C THR A 49 -4.49 12.32 -9.52
N PHE A 50 -3.43 13.10 -9.63
CA PHE A 50 -2.29 13.03 -8.72
C PHE A 50 -2.02 14.39 -8.11
N LEU A 51 -1.82 14.41 -6.79
CA LEU A 51 -1.53 15.63 -6.05
C LEU A 51 -0.13 15.51 -5.45
N TRP A 52 0.76 16.41 -5.87
CA TRP A 52 2.17 16.36 -5.53
C TRP A 52 2.47 17.46 -4.51
N LYS A 53 2.95 17.05 -3.33
CA LYS A 53 3.27 17.98 -2.24
C LYS A 53 4.78 18.17 -2.20
N ILE A 54 5.23 19.35 -2.62
CA ILE A 54 6.64 19.70 -2.61
C ILE A 54 6.93 20.49 -1.34
N THR A 55 7.73 19.91 -0.46
CA THR A 55 8.15 20.53 0.78
C THR A 55 9.59 21.04 0.65
N ASN A 56 9.95 21.96 1.55
CA ASN A 56 11.26 22.61 1.55
C ASN A 56 11.51 23.29 0.20
N VAL A 57 10.57 24.17 -0.16
CA VAL A 57 10.59 24.77 -1.49
C VAL A 57 11.81 25.68 -1.66
N THR A 58 12.11 26.50 -0.64
CA THR A 58 13.26 27.40 -0.75
C THR A 58 14.56 26.62 -0.86
N ARG A 59 14.74 25.62 0.00
CA ARG A 59 15.95 24.82 -0.04
C ARG A 59 16.12 24.15 -1.40
N ARG A 60 15.06 23.49 -1.90
CA ARG A 60 15.13 22.84 -3.20
C ARG A 60 15.35 23.85 -4.32
N CYS A 61 14.92 25.09 -4.13
CA CYS A 61 15.18 26.12 -5.12
C CYS A 61 16.65 26.52 -5.12
N HIS A 62 17.28 26.56 -3.94
CA HIS A 62 18.71 26.78 -3.88
C HIS A 62 19.48 25.62 -4.50
N GLU A 63 19.01 24.38 -4.27
CA GLU A 63 19.66 23.23 -4.86
C GLU A 63 19.53 23.24 -6.38
N SER A 64 18.37 23.62 -6.90
CA SER A 64 18.20 23.69 -8.34
C SER A 64 19.02 24.81 -8.96
N ALA A 65 19.26 25.89 -8.21
CA ALA A 65 20.09 26.97 -8.71
C ALA A 65 21.56 26.57 -8.87
N CYS A 66 21.97 25.47 -8.26
CA CYS A 66 23.30 24.92 -8.41
C CYS A 66 23.24 23.63 -9.21
N GLY A 67 24.42 23.04 -9.46
CA GLY A 67 24.51 21.88 -10.32
C GLY A 67 24.16 20.56 -9.69
N ARG A 68 23.97 20.51 -8.38
CA ARG A 68 23.70 19.23 -7.73
C ARG A 68 22.31 18.72 -8.04
N THR A 69 21.31 19.60 -8.05
CA THR A 69 19.93 19.22 -8.35
C THR A 69 19.55 19.75 -9.72
N VAL A 70 19.12 18.86 -10.61
CA VAL A 70 18.67 19.23 -11.93
C VAL A 70 17.15 19.35 -11.93
N SER A 71 16.47 18.27 -11.58
CA SER A 71 15.02 18.24 -11.57
C SER A 71 14.53 17.25 -10.52
N LEU A 72 13.22 17.29 -10.26
CA LEU A 72 12.57 16.39 -9.33
C LEU A 72 11.62 15.46 -10.08
N PHE A 73 11.60 14.19 -9.67
CA PHE A 73 10.72 13.19 -10.25
C PHE A 73 9.65 12.83 -9.22
N SER A 74 8.39 13.04 -9.57
CA SER A 74 7.28 12.74 -8.68
C SER A 74 7.10 11.23 -8.53
N PRO A 75 6.45 10.79 -7.45
CA PRO A 75 6.09 9.38 -7.35
C PRO A 75 5.22 8.95 -8.51
N ALA A 76 5.31 7.68 -8.87
CA ALA A 76 4.55 7.17 -10.00
C ALA A 76 3.07 7.08 -9.64
N PHE A 77 2.23 7.57 -10.54
CA PHE A 77 0.78 7.48 -10.41
C PHE A 77 0.21 6.90 -11.70
N TYR A 78 -0.97 6.31 -11.60
CA TYR A 78 -1.54 5.53 -12.69
C TYR A 78 -2.91 6.07 -13.07
N THR A 79 -3.23 5.95 -14.36
CA THR A 79 -4.57 6.29 -14.82
C THR A 79 -5.60 5.29 -14.31
N ALA A 80 -5.18 4.04 -14.10
CA ALA A 80 -6.04 3.00 -13.53
C ALA A 80 -5.14 1.97 -12.86
N LYS A 81 -5.76 1.09 -12.08
CA LYS A 81 -5.02 0.01 -11.44
C LYS A 81 -4.18 -0.75 -12.44
N TYR A 82 -4.71 -0.97 -13.65
CA TYR A 82 -4.00 -1.61 -14.74
C TYR A 82 -3.91 -0.67 -15.94
N GLY A 83 -3.70 0.61 -15.67
CA GLY A 83 -3.61 1.61 -16.71
C GLY A 83 -2.20 2.10 -16.98
N TYR A 84 -2.06 3.31 -17.52
CA TYR A 84 -0.75 3.85 -17.85
C TYR A 84 0.01 4.25 -16.60
N LYS A 85 1.33 4.02 -16.62
CA LYS A 85 2.21 4.47 -15.54
C LYS A 85 2.77 5.84 -15.90
N LEU A 86 2.59 6.81 -15.01
CA LEU A 86 2.99 8.18 -15.26
C LEU A 86 3.78 8.71 -14.08
N CYS A 87 4.65 9.68 -14.34
CA CYS A 87 5.23 10.47 -13.27
C CYS A 87 5.46 11.89 -13.79
N LEU A 88 5.90 12.78 -12.91
CA LEU A 88 6.10 14.18 -13.27
C LEU A 88 7.57 14.56 -13.08
N ARG A 89 8.02 15.50 -13.90
CA ARG A 89 9.36 16.06 -13.80
C ARG A 89 9.24 17.56 -13.60
N LEU A 90 9.80 18.06 -12.50
CA LEU A 90 9.66 19.46 -12.12
C LEU A 90 11.03 20.12 -12.08
N TYR A 91 11.16 21.21 -12.83
CA TYR A 91 12.34 22.07 -12.82
C TYR A 91 11.95 23.35 -12.09
N LEU A 92 12.41 23.47 -10.84
CA LEU A 92 12.29 24.72 -10.10
C LEU A 92 13.21 25.80 -10.65
N ASN A 93 14.28 25.41 -11.33
CA ASN A 93 15.20 26.33 -11.97
C ASN A 93 14.83 26.63 -13.42
N GLY A 94 13.93 25.84 -14.00
CA GLY A 94 13.56 25.99 -15.39
C GLY A 94 14.23 24.95 -16.28
N ASP A 95 13.85 24.97 -17.56
CA ASP A 95 14.41 24.06 -18.53
C ASP A 95 14.17 24.61 -19.93
N GLY A 96 15.20 24.53 -20.77
CA GLY A 96 15.08 24.96 -22.15
C GLY A 96 14.71 26.42 -22.24
N THR A 97 13.59 26.71 -22.91
CA THR A 97 13.13 28.09 -23.07
C THR A 97 12.69 28.70 -21.75
N GLY A 98 12.37 27.87 -20.75
CA GLY A 98 11.98 28.35 -19.44
C GLY A 98 13.08 28.34 -18.39
N LYS A 99 14.32 28.02 -18.77
CA LYS A 99 15.41 27.99 -17.81
C LYS A 99 15.65 29.36 -17.22
N ARG A 100 15.74 29.41 -15.89
CA ARG A 100 16.00 30.60 -15.08
C ARG A 100 14.83 31.58 -15.08
N THR A 101 13.73 31.29 -15.77
CA THR A 101 12.59 32.19 -15.84
C THR A 101 11.29 31.59 -15.32
N HIS A 102 11.01 30.32 -15.63
CA HIS A 102 9.74 29.70 -15.27
C HIS A 102 9.96 28.40 -14.53
N LEU A 103 8.89 27.94 -13.87
CA LEU A 103 8.81 26.54 -13.49
C LEU A 103 8.56 25.70 -14.73
N SER A 104 9.24 24.56 -14.82
CA SER A 104 9.06 23.64 -15.95
C SER A 104 8.42 22.36 -15.44
N LEU A 105 7.22 22.05 -15.91
CA LEU A 105 6.48 20.88 -15.45
C LEU A 105 6.21 19.98 -16.64
N PHE A 106 6.85 18.81 -16.66
CA PHE A 106 6.69 17.84 -17.73
C PHE A 106 6.06 16.56 -17.19
N ILE A 107 5.43 15.81 -18.09
CA ILE A 107 4.87 14.50 -17.75
C ILE A 107 5.74 13.44 -18.40
N VAL A 108 5.84 12.29 -17.74
CA VAL A 108 6.69 11.19 -18.15
C VAL A 108 5.82 9.94 -18.28
N ILE A 109 5.77 9.39 -19.49
CA ILE A 109 5.15 8.09 -19.74
C ILE A 109 6.18 7.02 -19.39
N MET A 110 5.86 6.19 -18.41
CA MET A 110 6.76 5.15 -17.94
C MET A 110 6.30 3.79 -18.44
N ARG A 111 7.21 2.82 -18.34
CA ARG A 111 6.92 1.44 -18.74
C ARG A 111 6.02 0.80 -17.68
N GLY A 112 4.77 0.52 -18.06
CA GLY A 112 3.86 -0.16 -17.16
C GLY A 112 3.95 -1.67 -17.29
N GLU A 113 3.64 -2.36 -16.20
CA GLU A 113 3.63 -3.81 -16.22
C GLU A 113 2.52 -4.36 -17.12
N TYR A 114 1.47 -3.57 -17.36
CA TYR A 114 0.32 -4.02 -18.13
C TYR A 114 0.15 -3.24 -19.42
N ASP A 115 1.15 -2.46 -19.84
CA ASP A 115 0.99 -1.62 -21.01
C ASP A 115 0.97 -2.41 -22.32
N ALA A 116 1.31 -3.70 -22.29
CA ALA A 116 1.16 -4.53 -23.48
C ALA A 116 -0.30 -4.71 -23.87
N LEU A 117 -1.23 -4.39 -22.95
CA LEU A 117 -2.65 -4.43 -23.22
C LEU A 117 -3.26 -3.05 -23.42
N LEU A 118 -2.45 -2.00 -23.39
CA LEU A 118 -3.01 -0.66 -23.43
C LEU A 118 -2.97 -0.09 -24.84
N PRO A 119 -3.90 0.79 -25.19
CA PRO A 119 -3.87 1.43 -26.51
C PRO A 119 -2.71 2.40 -26.63
N TRP A 120 -2.10 2.42 -27.80
CA TRP A 120 -0.99 3.34 -28.07
C TRP A 120 -1.18 4.05 -29.40
N PRO A 121 -0.62 5.27 -29.53
CA PRO A 121 0.11 5.99 -28.49
C PRO A 121 -0.80 6.57 -27.41
N PHE A 122 -0.20 7.06 -26.33
CA PHE A 122 -0.95 7.68 -25.25
C PHE A 122 -1.59 8.98 -25.75
N ARG A 123 -2.92 9.08 -25.64
CA ARG A 123 -3.66 10.22 -26.16
C ARG A 123 -4.40 11.05 -25.12
N ASN A 124 -4.41 10.62 -23.85
CA ASN A 124 -5.26 11.26 -22.85
C ASN A 124 -4.83 12.70 -22.59
N LYS A 125 -5.82 13.58 -22.49
CA LYS A 125 -5.56 14.98 -22.17
C LYS A 125 -4.90 15.11 -20.80
N VAL A 126 -3.92 16.01 -20.70
CA VAL A 126 -3.17 16.19 -19.47
C VAL A 126 -3.37 17.62 -18.97
N THR A 127 -3.64 17.76 -17.68
CA THR A 127 -3.85 19.07 -17.06
C THR A 127 -2.90 19.25 -15.89
N PHE A 128 -2.15 20.34 -15.91
CA PHE A 128 -1.26 20.73 -14.83
C PHE A 128 -1.88 21.90 -14.07
N MET A 129 -1.61 21.95 -12.76
CA MET A 129 -2.27 22.92 -11.89
C MET A 129 -1.38 23.24 -10.70
N LEU A 130 -0.86 24.47 -10.65
CA LEU A 130 -0.18 24.96 -9.46
C LEU A 130 -1.22 25.55 -8.52
N LEU A 131 -1.30 25.01 -7.30
CA LEU A 131 -2.42 25.27 -6.39
C LEU A 131 -2.17 26.47 -5.49
N ASP A 132 -3.16 27.35 -5.42
CA ASP A 132 -3.20 28.42 -4.43
C ASP A 132 -3.76 27.85 -3.13
N GLN A 133 -2.97 27.95 -2.06
CA GLN A 133 -3.47 27.56 -0.75
C GLN A 133 -4.69 28.38 -0.34
N ASN A 134 -4.81 29.60 -0.88
CA ASN A 134 -6.02 30.39 -0.69
C ASN A 134 -7.15 29.78 -1.51
N ASN A 135 -8.29 30.48 -1.52
CA ASN A 135 -9.51 29.85 -2.02
C ASN A 135 -9.46 29.65 -3.53
N ARG A 136 -8.95 30.62 -4.28
CA ARG A 136 -9.06 30.57 -5.73
C ARG A 136 -7.87 31.21 -6.44
N GLU A 137 -7.90 31.05 -7.77
CA GLU A 137 -7.07 31.70 -8.77
C GLU A 137 -5.73 30.98 -8.87
N HIS A 138 -5.74 29.66 -8.70
CA HIS A 138 -4.53 28.89 -8.92
C HIS A 138 -4.31 28.65 -10.41
N ALA A 139 -3.05 28.44 -10.78
CA ALA A 139 -2.65 28.43 -12.18
C ALA A 139 -2.96 27.08 -12.82
N ILE A 140 -3.52 27.11 -14.03
CA ILE A 140 -4.01 25.92 -14.70
C ILE A 140 -3.54 25.96 -16.16
N ASP A 141 -2.90 24.88 -16.60
CA ASP A 141 -2.56 24.68 -17.99
C ASP A 141 -3.02 23.29 -18.41
N ALA A 142 -3.17 23.09 -19.72
CA ALA A 142 -3.66 21.82 -20.23
C ALA A 142 -3.16 21.63 -21.65
N PHE A 143 -2.93 20.37 -22.02
CA PHE A 143 -2.45 20.05 -23.35
C PHE A 143 -2.91 18.66 -23.76
N ARG A 144 -3.05 18.48 -25.08
CA ARG A 144 -3.26 17.20 -25.73
C ARG A 144 -1.91 16.62 -26.12
N PRO A 145 -1.66 15.34 -25.87
CA PRO A 145 -0.35 14.77 -26.24
C PRO A 145 -0.12 14.80 -27.73
N ASP A 146 1.09 15.22 -28.11
CA ASP A 146 1.52 15.19 -29.50
C ASP A 146 1.70 13.74 -29.91
N LEU A 147 0.73 13.21 -30.67
CA LEU A 147 0.75 11.81 -31.03
C LEU A 147 1.88 11.45 -31.99
N SER A 148 2.47 12.44 -32.67
CA SER A 148 3.60 12.20 -33.54
C SER A 148 4.93 12.20 -32.81
N SER A 149 4.94 12.52 -31.52
CA SER A 149 6.16 12.55 -30.72
C SER A 149 6.43 11.17 -30.16
N ALA A 150 7.72 10.80 -30.13
CA ALA A 150 8.12 9.50 -29.60
C ALA A 150 7.95 9.39 -28.09
N SER A 151 7.58 10.50 -27.43
CA SER A 151 7.40 10.51 -25.98
C SER A 151 6.08 9.91 -25.53
N PHE A 152 5.18 9.58 -26.46
CA PHE A 152 3.90 8.99 -26.11
C PHE A 152 3.70 7.62 -26.75
N GLN A 153 4.70 7.09 -27.45
CA GLN A 153 4.65 5.74 -27.95
C GLN A 153 4.80 4.75 -26.79
N ARG A 154 4.52 3.49 -27.07
CA ARG A 154 4.70 2.47 -26.04
C ARG A 154 6.17 2.41 -25.63
N PRO A 155 6.48 2.54 -24.34
CA PRO A 155 7.89 2.55 -23.92
C PRO A 155 8.63 1.28 -24.27
N GLN A 156 9.59 1.39 -25.18
CA GLN A 156 10.54 0.31 -25.44
C GLN A 156 11.65 0.27 -24.40
N SER A 157 11.75 1.30 -23.55
CA SER A 157 12.70 1.32 -22.45
C SER A 157 11.94 1.55 -21.15
N GLU A 158 12.64 1.92 -20.08
CA GLU A 158 11.96 2.10 -18.79
C GLU A 158 11.03 3.30 -18.81
N THR A 159 11.52 4.44 -19.28
CA THR A 159 10.69 5.64 -19.39
C THR A 159 10.94 6.31 -20.72
N ASN A 160 9.93 7.03 -21.20
CA ASN A 160 10.06 7.87 -22.38
C ASN A 160 10.59 9.25 -21.98
N VAL A 161 10.94 10.05 -22.99
CA VAL A 161 11.40 11.41 -22.75
C VAL A 161 10.22 12.26 -22.32
N ALA A 162 10.40 13.01 -21.23
CA ALA A 162 9.32 13.82 -20.68
C ALA A 162 8.84 14.84 -21.71
N SER A 163 7.56 15.18 -21.61
CA SER A 163 6.96 16.20 -22.48
C SER A 163 5.92 16.96 -21.68
N GLY A 164 5.89 18.27 -21.85
CA GLY A 164 4.94 19.08 -21.12
C GLY A 164 5.07 20.57 -21.34
N CYS A 165 5.25 21.31 -20.24
CA CYS A 165 5.21 22.77 -20.26
C CYS A 165 6.48 23.33 -19.64
N PRO A 166 7.46 23.72 -20.46
CA PRO A 166 8.67 24.36 -19.91
C PRO A 166 8.42 25.77 -19.43
N LEU A 167 7.41 26.44 -19.96
CA LEU A 167 6.98 27.76 -19.51
C LEU A 167 5.71 27.67 -18.67
N PHE A 168 5.64 26.67 -17.78
CA PHE A 168 4.40 26.39 -17.07
C PHE A 168 3.99 27.57 -16.21
N PHE A 169 4.87 28.01 -15.30
CA PHE A 169 4.54 29.08 -14.38
C PHE A 169 5.72 30.01 -14.17
N PRO A 170 5.50 31.33 -14.22
CA PRO A 170 6.60 32.28 -14.03
C PRO A 170 7.12 32.24 -12.60
N LEU A 171 8.44 32.11 -12.47
CA LEU A 171 9.06 32.12 -11.14
C LEU A 171 8.82 33.44 -10.43
N SER A 172 8.63 34.52 -11.19
CA SER A 172 8.41 35.83 -10.58
C SER A 172 7.11 35.86 -9.79
N LYS A 173 6.03 35.28 -10.34
CA LYS A 173 4.74 35.28 -9.66
C LYS A 173 4.75 34.41 -8.42
N LEU A 174 5.68 33.47 -8.30
CA LEU A 174 5.74 32.63 -7.10
C LEU A 174 6.02 33.45 -5.86
N GLN A 175 6.89 34.46 -5.97
CA GLN A 175 7.25 35.29 -4.83
C GLN A 175 6.09 36.19 -4.39
N SER A 176 5.18 36.51 -5.31
CA SER A 176 4.13 37.46 -5.00
C SER A 176 3.22 36.92 -3.90
N PRO A 177 2.75 37.79 -3.00
CA PRO A 177 1.86 37.35 -1.91
C PRO A 177 0.37 37.40 -2.23
N LYS A 178 -0.01 37.94 -3.40
CA LYS A 178 -1.41 37.98 -3.76
C LYS A 178 -2.01 36.57 -3.78
N HIS A 179 -1.25 35.59 -4.25
CA HIS A 179 -1.65 34.19 -4.25
C HIS A 179 -0.71 33.42 -3.35
N ALA A 180 -1.25 32.44 -2.63
CA ALA A 180 -0.44 31.58 -1.77
C ALA A 180 -0.01 30.34 -2.55
N TYR A 181 0.83 30.58 -3.55
CA TYR A 181 1.38 29.48 -4.33
C TYR A 181 2.46 28.72 -3.57
N VAL A 182 3.11 29.37 -2.60
CA VAL A 182 4.05 28.72 -1.70
C VAL A 182 3.73 29.18 -0.29
N LYS A 183 3.50 28.23 0.61
CA LYS A 183 3.21 28.51 2.00
C LYS A 183 3.98 27.55 2.88
N ASP A 184 4.84 28.10 3.75
CA ASP A 184 5.66 27.31 4.66
C ASP A 184 6.54 26.31 3.90
N ASP A 185 7.22 26.82 2.88
CA ASP A 185 8.14 26.02 2.06
C ASP A 185 7.46 24.79 1.49
N THR A 186 6.19 24.95 1.10
CA THR A 186 5.41 23.83 0.58
C THR A 186 4.45 24.34 -0.48
N MET A 187 4.55 23.79 -1.68
CA MET A 187 3.59 24.08 -2.75
C MET A 187 3.03 22.78 -3.27
N PHE A 188 1.84 22.87 -3.88
CA PHE A 188 1.13 21.70 -4.36
C PHE A 188 0.92 21.80 -5.87
N LEU A 189 1.42 20.80 -6.60
CA LEU A 189 1.11 20.63 -8.00
C LEU A 189 0.04 19.57 -8.14
N LYS A 190 -0.68 19.61 -9.26
CA LYS A 190 -1.80 18.70 -9.48
C LYS A 190 -1.86 18.34 -10.96
N CYS A 191 -1.82 17.04 -11.25
CA CYS A 191 -1.97 16.54 -12.60
C CYS A 191 -3.29 15.80 -12.71
N ILE A 192 -4.06 16.12 -13.74
CA ILE A 192 -5.36 15.51 -13.99
C ILE A 192 -5.33 14.94 -15.40
N VAL A 193 -5.37 13.61 -15.50
CA VAL A 193 -5.36 12.91 -16.77
C VAL A 193 -6.77 12.45 -17.09
N GLU A 194 -7.22 12.74 -18.30
CA GLU A 194 -8.60 12.45 -18.66
C GLU A 194 -8.80 10.95 -18.86
N THR A 195 -9.94 10.45 -18.38
CA THR A 195 -10.25 9.02 -18.47
C THR A 195 -10.56 8.65 -19.92
N SER A 196 -9.76 7.76 -20.48
CA SER A 196 -9.95 7.29 -21.85
C SER A 196 -9.27 5.94 -22.07
N GLN B 4 46.30 -16.58 27.77
CA GLN B 4 45.48 -16.79 28.96
C GLN B 4 44.21 -15.95 28.90
N LEU B 5 44.30 -14.69 29.35
CA LEU B 5 43.16 -13.80 29.35
C LEU B 5 43.00 -13.06 28.03
N ASP B 6 44.10 -12.74 27.35
CA ASP B 6 44.00 -12.17 26.01
C ASP B 6 43.37 -13.17 25.04
N ARG B 7 43.80 -14.43 25.10
CA ARG B 7 43.17 -15.47 24.30
C ARG B 7 41.70 -15.63 24.68
N GLU B 8 41.36 -15.41 25.95
CA GLU B 8 39.96 -15.40 26.36
C GLU B 8 39.20 -14.27 25.69
N ARG B 9 39.83 -13.09 25.58
CA ARG B 9 39.22 -11.99 24.84
C ARG B 9 39.00 -12.36 23.39
N ILE B 10 39.97 -13.06 22.79
CA ILE B 10 39.82 -13.52 21.40
C ILE B 10 38.61 -14.45 21.27
N LEU B 11 38.49 -15.40 22.20
CA LEU B 11 37.36 -16.33 22.16
C LEU B 11 36.03 -15.59 22.30
N SER B 12 35.95 -14.65 23.24
CA SER B 12 34.74 -13.86 23.41
C SER B 12 34.40 -13.11 22.12
N LEU B 13 35.41 -12.54 21.46
CA LEU B 13 35.17 -11.85 20.19
C LEU B 13 34.66 -12.82 19.13
N GLU B 14 35.17 -14.05 19.13
CA GLU B 14 34.68 -15.05 18.17
C GLU B 14 33.20 -15.33 18.41
N GLN B 15 32.81 -15.55 19.67
CA GLN B 15 31.41 -15.83 19.97
C GLN B 15 30.51 -14.64 19.58
N ARG B 16 30.94 -13.42 19.93
CA ARG B 16 30.17 -12.23 19.54
C ARG B 16 30.02 -12.14 18.02
N VAL B 17 31.09 -12.45 17.29
CA VAL B 17 31.03 -12.36 15.83
C VAL B 17 30.02 -13.37 15.29
N VAL B 18 30.06 -14.61 15.78
CA VAL B 18 29.10 -15.61 15.32
C VAL B 18 27.68 -15.16 15.60
N GLU B 19 27.44 -14.65 16.82
CA GLU B 19 26.12 -14.15 17.17
C GLU B 19 25.67 -13.05 16.21
N LEU B 20 26.56 -12.12 15.88
CA LEU B 20 26.21 -11.06 14.94
C LEU B 20 25.91 -11.61 13.56
N GLN B 21 26.61 -12.67 13.14
CA GLN B 21 26.37 -13.27 11.84
C GLN B 21 24.96 -13.87 11.78
N GLN B 22 24.61 -14.71 12.77
CA GLN B 22 23.31 -15.35 12.75
C GLN B 22 22.18 -14.35 12.93
N THR B 23 22.34 -13.40 13.84
CA THR B 23 21.34 -12.34 14.01
C THR B 23 21.13 -11.58 12.70
N LEU B 24 22.22 -11.16 12.07
CA LEU B 24 22.11 -10.44 10.80
C LEU B 24 21.41 -11.28 9.75
N ALA B 25 21.66 -12.58 9.74
CA ALA B 25 20.94 -13.45 8.80
C ALA B 25 19.44 -13.43 9.07
N GLN B 26 19.05 -13.52 10.35
CA GLN B 26 17.63 -13.45 10.69
C GLN B 26 17.01 -12.14 10.22
N LYS B 27 17.72 -11.02 10.43
CA LYS B 27 17.22 -9.73 9.95
C LYS B 27 17.10 -9.72 8.43
N ASP B 28 18.00 -10.41 7.73
CA ASP B 28 17.91 -10.51 6.28
C ASP B 28 16.64 -11.26 5.87
N GLN B 29 16.33 -12.36 6.56
CA GLN B 29 15.08 -13.07 6.29
C GLN B 29 13.87 -12.17 6.53
N ALA B 30 13.89 -11.40 7.64
CA ALA B 30 12.79 -10.49 7.91
C ALA B 30 12.64 -9.46 6.78
N LEU B 31 13.76 -8.93 6.28
CA LEU B 31 13.70 -8.05 5.12
C LEU B 31 13.03 -8.73 3.93
N GLY B 32 13.39 -9.99 3.68
CA GLY B 32 12.74 -10.71 2.59
C GLY B 32 11.24 -10.80 2.75
N LYS B 33 10.79 -11.17 3.96
CA LYS B 33 9.36 -11.23 4.22
C LYS B 33 8.69 -9.89 4.00
N LEU B 34 9.32 -8.81 4.47
CA LEU B 34 8.71 -7.48 4.33
C LEU B 34 8.61 -7.07 2.87
N GLU B 35 9.66 -7.34 2.08
CA GLU B 35 9.62 -7.01 0.66
C GLU B 35 8.54 -7.81 -0.05
N GLN B 36 8.39 -9.09 0.30
CA GLN B 36 7.35 -9.91 -0.30
C GLN B 36 5.95 -9.37 0.05
N SER B 37 5.74 -9.04 1.32
CA SER B 37 4.44 -8.48 1.73
C SER B 37 4.17 -7.16 1.02
N LEU B 38 5.20 -6.35 0.83
CA LEU B 38 5.04 -5.11 0.08
C LEU B 38 4.59 -5.38 -1.36
N ARG B 39 5.24 -6.35 -2.01
CA ARG B 39 4.84 -6.71 -3.36
C ARG B 39 3.39 -7.18 -3.42
N LEU B 40 3.00 -8.07 -2.51
CA LEU B 40 1.63 -8.57 -2.50
C LEU B 40 0.63 -7.45 -2.27
N MET B 41 0.90 -6.57 -1.32
CA MET B 41 0.04 -5.40 -1.10
C MET B 41 -0.06 -4.56 -2.36
N GLU B 42 1.03 -4.45 -3.12
CA GLU B 42 0.98 -3.71 -4.37
C GLU B 42 0.10 -4.40 -5.40
N GLU B 43 0.11 -5.73 -5.43
CA GLU B 43 -0.60 -6.47 -6.47
C GLU B 43 -2.11 -6.57 -6.23
N ALA B 44 -2.57 -6.32 -5.01
CA ALA B 44 -3.97 -6.57 -4.69
C ALA B 44 -4.89 -5.53 -5.31
N SER B 45 -6.07 -5.97 -5.71
CA SER B 45 -7.16 -5.10 -6.15
C SER B 45 -8.36 -5.31 -5.25
N PHE B 46 -9.24 -4.30 -5.20
CA PHE B 46 -10.33 -4.28 -4.22
C PHE B 46 -11.66 -3.97 -4.88
N ASP B 47 -11.89 -4.48 -6.09
CA ASP B 47 -13.18 -4.26 -6.75
C ASP B 47 -13.70 -5.50 -7.47
N GLY B 48 -13.24 -6.69 -7.11
CA GLY B 48 -13.68 -7.91 -7.74
C GLY B 48 -13.04 -8.23 -9.07
N THR B 49 -12.25 -7.31 -9.63
CA THR B 49 -11.54 -7.55 -10.88
C THR B 49 -10.04 -7.62 -10.61
N PHE B 50 -9.38 -8.61 -11.21
CA PHE B 50 -7.97 -8.85 -11.01
C PHE B 50 -7.32 -9.24 -12.32
N LEU B 51 -6.18 -8.64 -12.63
CA LEU B 51 -5.44 -8.92 -13.86
C LEU B 51 -4.12 -9.56 -13.50
N TRP B 52 -3.99 -10.85 -13.83
CA TRP B 52 -2.83 -11.67 -13.49
C TRP B 52 -1.88 -11.72 -14.68
N LYS B 53 -0.66 -11.25 -14.47
CA LYS B 53 0.40 -11.26 -15.48
C LYS B 53 1.36 -12.41 -15.18
N ILE B 54 1.37 -13.40 -16.05
CA ILE B 54 2.27 -14.56 -15.92
C ILE B 54 3.45 -14.34 -16.85
N THR B 55 4.65 -14.34 -16.28
CA THR B 55 5.89 -14.19 -17.03
C THR B 55 6.66 -15.50 -17.06
N ASN B 56 7.58 -15.61 -18.02
CA ASN B 56 8.32 -16.83 -18.29
C ASN B 56 7.36 -18.01 -18.50
N VAL B 57 6.44 -17.82 -19.45
CA VAL B 57 5.37 -18.80 -19.66
C VAL B 57 5.94 -20.15 -20.09
N THR B 58 7.00 -20.14 -20.89
CA THR B 58 7.59 -21.39 -21.36
C THR B 58 8.26 -22.15 -20.22
N ARG B 59 9.09 -21.45 -19.44
CA ARG B 59 9.77 -22.08 -18.32
C ARG B 59 8.77 -22.59 -17.28
N ARG B 60 7.67 -21.85 -17.07
CA ARG B 60 6.65 -22.32 -16.15
C ARG B 60 5.85 -23.49 -16.72
N CYS B 61 5.71 -23.55 -18.04
CA CYS B 61 5.06 -24.69 -18.67
C CYS B 61 5.88 -25.95 -18.48
N HIS B 62 7.20 -25.85 -18.71
CA HIS B 62 8.08 -26.96 -18.37
C HIS B 62 8.05 -27.24 -16.87
N GLU B 63 7.83 -26.21 -16.06
CA GLU B 63 7.74 -26.35 -14.62
C GLU B 63 6.39 -26.89 -14.17
N SER B 64 5.46 -27.10 -15.08
CA SER B 64 4.18 -27.75 -14.80
C SER B 64 4.09 -29.14 -15.36
N ALA B 65 4.54 -29.35 -16.60
CA ALA B 65 4.54 -30.70 -17.17
C ALA B 65 5.54 -31.59 -16.45
N CYS B 66 6.76 -31.11 -16.24
CA CYS B 66 7.80 -31.88 -15.56
C CYS B 66 8.40 -31.20 -14.35
N GLY B 67 8.18 -29.90 -14.14
CA GLY B 67 8.78 -29.20 -13.02
C GLY B 67 8.08 -29.47 -11.72
N ARG B 68 8.70 -29.02 -10.64
CA ARG B 68 8.23 -29.37 -9.29
C ARG B 68 6.90 -28.69 -8.94
N THR B 69 6.69 -27.45 -9.40
CA THR B 69 5.49 -26.71 -9.06
C THR B 69 4.27 -27.36 -9.72
N VAL B 70 3.34 -27.83 -8.89
CA VAL B 70 2.10 -28.39 -9.42
C VAL B 70 1.25 -27.31 -10.05
N SER B 71 1.08 -26.18 -9.36
CA SER B 71 0.26 -25.09 -9.85
C SER B 71 0.88 -23.77 -9.39
N LEU B 72 0.32 -22.68 -9.92
CA LEU B 72 0.74 -21.33 -9.55
C LEU B 72 -0.40 -20.59 -8.89
N PHE B 73 -0.08 -19.82 -7.85
CA PHE B 73 -1.06 -19.06 -7.09
C PHE B 73 -0.87 -17.57 -7.35
N SER B 74 -1.96 -16.89 -7.70
CA SER B 74 -1.95 -15.46 -7.88
C SER B 74 -1.95 -14.74 -6.53
N PRO B 75 -1.53 -13.48 -6.50
CA PRO B 75 -1.74 -12.69 -5.29
C PRO B 75 -3.22 -12.56 -4.98
N ALA B 76 -3.53 -12.45 -3.70
CA ALA B 76 -4.93 -12.35 -3.29
C ALA B 76 -5.51 -11.01 -3.72
N PHE B 77 -6.81 -11.02 -4.01
CA PHE B 77 -7.55 -9.80 -4.33
C PHE B 77 -8.91 -9.90 -3.65
N TYR B 78 -9.70 -8.83 -3.76
CA TYR B 78 -10.92 -8.72 -2.97
C TYR B 78 -12.06 -8.19 -3.82
N THR B 79 -13.27 -8.62 -3.50
CA THR B 79 -14.46 -8.06 -4.14
C THR B 79 -14.73 -6.65 -3.67
N ALA B 80 -14.31 -6.32 -2.46
CA ALA B 80 -14.37 -4.97 -1.93
C ALA B 80 -13.38 -4.88 -0.78
N LYS B 81 -13.13 -3.64 -0.33
CA LYS B 81 -12.17 -3.41 0.76
C LYS B 81 -12.44 -4.33 1.94
N TYR B 82 -13.71 -4.58 2.25
CA TYR B 82 -14.10 -5.49 3.32
C TYR B 82 -14.94 -6.65 2.77
N GLY B 83 -14.64 -7.09 1.55
CA GLY B 83 -15.38 -8.15 0.89
C GLY B 83 -14.73 -9.51 1.04
N TYR B 84 -14.91 -10.35 0.02
CA TYR B 84 -14.33 -11.68 0.01
C TYR B 84 -12.85 -11.61 -0.35
N LYS B 85 -12.05 -12.44 0.30
CA LYS B 85 -10.66 -12.61 -0.10
C LYS B 85 -10.58 -13.76 -1.09
N LEU B 86 -9.92 -13.52 -2.23
CA LEU B 86 -9.92 -14.47 -3.33
C LEU B 86 -8.53 -14.55 -3.95
N CYS B 87 -8.25 -15.67 -4.59
CA CYS B 87 -7.06 -15.79 -5.42
C CYS B 87 -7.32 -16.80 -6.52
N LEU B 88 -6.33 -16.97 -7.41
CA LEU B 88 -6.46 -17.86 -8.55
C LEU B 88 -5.42 -18.97 -8.45
N ARG B 89 -5.82 -20.17 -8.86
CA ARG B 89 -4.92 -21.31 -8.96
C ARG B 89 -4.85 -21.73 -10.41
N LEU B 90 -3.63 -21.82 -10.94
CA LEU B 90 -3.41 -22.04 -12.37
C LEU B 90 -2.58 -23.28 -12.59
N TYR B 91 -3.07 -24.18 -13.43
CA TYR B 91 -2.35 -25.38 -13.86
C TYR B 91 -2.01 -25.20 -15.33
N LEU B 92 -0.75 -24.83 -15.61
CA LEU B 92 -0.35 -24.59 -16.99
C LEU B 92 -0.33 -25.89 -17.79
N ASN B 93 0.05 -27.00 -17.18
CA ASN B 93 -0.07 -28.29 -17.83
C ASN B 93 -1.41 -28.96 -17.55
N GLY B 94 -2.31 -28.29 -16.85
CA GLY B 94 -3.65 -28.79 -16.62
C GLY B 94 -3.78 -29.60 -15.35
N ASP B 95 -5.02 -29.79 -14.93
CA ASP B 95 -5.35 -30.51 -13.71
C ASP B 95 -6.51 -31.46 -13.97
N GLY B 96 -6.41 -32.66 -13.40
CA GLY B 96 -7.48 -33.64 -13.54
C GLY B 96 -7.71 -33.98 -14.99
N THR B 97 -8.96 -33.79 -15.45
CA THR B 97 -9.27 -34.06 -16.85
C THR B 97 -8.48 -33.14 -17.78
N GLY B 98 -8.32 -31.87 -17.38
CA GLY B 98 -7.69 -30.89 -18.24
C GLY B 98 -6.21 -31.12 -18.49
N LYS B 99 -5.56 -31.94 -17.67
CA LYS B 99 -4.11 -32.07 -17.75
C LYS B 99 -3.69 -32.76 -19.06
N ARG B 100 -2.53 -32.34 -19.56
CA ARG B 100 -1.94 -32.77 -20.82
C ARG B 100 -2.77 -32.37 -22.04
N THR B 101 -3.79 -31.52 -21.85
CA THR B 101 -4.64 -31.07 -22.96
C THR B 101 -4.97 -29.60 -22.82
N HIS B 102 -5.49 -29.20 -21.66
CA HIS B 102 -5.90 -27.84 -21.41
C HIS B 102 -5.10 -27.26 -20.24
N LEU B 103 -5.23 -25.95 -20.05
CA LEU B 103 -4.75 -25.30 -18.85
C LEU B 103 -5.92 -25.04 -17.91
N SER B 104 -5.74 -25.35 -16.64
CA SER B 104 -6.81 -25.28 -15.66
C SER B 104 -6.72 -23.98 -14.87
N LEU B 105 -7.89 -23.40 -14.57
CA LEU B 105 -7.95 -22.14 -13.84
C LEU B 105 -9.08 -22.22 -12.83
N PHE B 106 -8.75 -22.08 -11.55
CA PHE B 106 -9.73 -22.21 -10.48
C PHE B 106 -9.73 -20.96 -9.61
N ILE B 107 -10.93 -20.56 -9.19
CA ILE B 107 -11.07 -19.55 -8.15
C ILE B 107 -10.85 -20.21 -6.78
N VAL B 108 -10.31 -19.44 -5.84
CA VAL B 108 -10.01 -19.90 -4.50
C VAL B 108 -10.56 -18.87 -3.53
N ILE B 109 -11.58 -19.26 -2.76
CA ILE B 109 -12.07 -18.43 -1.66
C ILE B 109 -11.15 -18.62 -0.47
N MET B 110 -10.53 -17.53 -0.02
CA MET B 110 -9.59 -17.54 1.08
C MET B 110 -10.23 -16.97 2.34
N ARG B 111 -9.69 -17.38 3.49
CA ARG B 111 -10.19 -16.89 4.77
C ARG B 111 -9.97 -15.39 4.89
N GLY B 112 -11.06 -14.65 5.03
CA GLY B 112 -11.00 -13.20 5.15
C GLY B 112 -11.19 -12.76 6.59
N GLU B 113 -10.60 -11.59 6.91
CA GLU B 113 -10.75 -11.02 8.24
C GLU B 113 -12.18 -10.60 8.54
N TYR B 114 -13.03 -10.48 7.52
CA TYR B 114 -14.39 -10.00 7.68
C TYR B 114 -15.41 -11.03 7.21
N ASP B 115 -15.03 -12.31 7.24
CA ASP B 115 -15.96 -13.37 6.84
C ASP B 115 -17.15 -13.45 7.78
N ALA B 116 -16.97 -13.05 9.05
CA ALA B 116 -18.08 -13.09 10.00
C ALA B 116 -19.22 -12.17 9.60
N LEU B 117 -18.96 -11.20 8.72
CA LEU B 117 -19.98 -10.26 8.26
C LEU B 117 -20.43 -10.54 6.83
N LEU B 118 -19.81 -11.51 6.14
CA LEU B 118 -20.14 -11.74 4.75
C LEU B 118 -21.22 -12.81 4.62
N PRO B 119 -22.06 -12.69 3.60
CA PRO B 119 -23.04 -13.74 3.34
C PRO B 119 -22.36 -15.02 2.87
N TRP B 120 -22.96 -16.15 3.25
CA TRP B 120 -22.46 -17.46 2.84
C TRP B 120 -23.63 -18.37 2.48
N PRO B 121 -23.44 -19.23 1.46
CA PRO B 121 -22.22 -19.37 0.68
C PRO B 121 -22.04 -18.27 -0.38
N PHE B 122 -20.81 -18.10 -0.83
CA PHE B 122 -20.48 -17.10 -1.84
C PHE B 122 -21.17 -17.44 -3.16
N ARG B 123 -22.02 -16.54 -3.64
CA ARG B 123 -22.80 -16.75 -4.85
C ARG B 123 -22.42 -15.84 -6.00
N ASN B 124 -21.38 -15.01 -5.84
CA ASN B 124 -21.04 -14.02 -6.87
C ASN B 124 -20.54 -14.71 -8.13
N LYS B 125 -21.13 -14.35 -9.27
CA LYS B 125 -20.73 -14.93 -10.55
C LYS B 125 -19.26 -14.63 -10.83
N VAL B 126 -18.54 -15.64 -11.35
CA VAL B 126 -17.12 -15.53 -11.62
C VAL B 126 -16.89 -15.63 -13.12
N THR B 127 -16.01 -14.78 -13.63
CA THR B 127 -15.68 -14.75 -15.06
C THR B 127 -14.17 -14.83 -15.24
N PHE B 128 -13.73 -15.76 -16.07
CA PHE B 128 -12.33 -15.91 -16.43
C PHE B 128 -12.12 -15.49 -17.88
N MET B 129 -10.94 -14.95 -18.16
CA MET B 129 -10.58 -14.52 -19.50
C MET B 129 -9.10 -14.80 -19.74
N LEU B 130 -8.78 -15.29 -20.92
CA LEU B 130 -7.42 -15.29 -21.44
C LEU B 130 -7.32 -14.18 -22.48
N LEU B 131 -6.41 -13.24 -22.25
CA LEU B 131 -6.37 -12.02 -23.04
C LEU B 131 -5.46 -12.18 -24.24
N ASP B 132 -5.88 -11.57 -25.36
CA ASP B 132 -5.13 -11.58 -26.61
C ASP B 132 -4.76 -10.14 -26.94
N GLN B 133 -3.45 -9.83 -26.91
CA GLN B 133 -3.01 -8.47 -27.22
C GLN B 133 -3.42 -8.07 -28.64
N ASN B 134 -3.25 -8.97 -29.61
CA ASN B 134 -3.66 -8.67 -30.97
C ASN B 134 -5.18 -8.62 -31.11
N ASN B 135 -5.91 -9.30 -30.23
CA ASN B 135 -7.37 -9.31 -30.19
C ASN B 135 -8.03 -9.31 -31.57
N HIS B 138 -9.73 -13.78 -27.87
CA HIS B 138 -10.00 -13.57 -26.45
C HIS B 138 -10.79 -14.73 -25.87
N ALA B 139 -10.16 -15.52 -25.01
CA ALA B 139 -10.85 -16.63 -24.36
C ALA B 139 -11.61 -16.14 -23.15
N ILE B 140 -12.73 -16.81 -22.86
CA ILE B 140 -13.59 -16.39 -21.75
C ILE B 140 -14.42 -17.59 -21.31
N ASP B 141 -14.60 -17.69 -20.00
CA ASP B 141 -15.59 -18.57 -19.40
C ASP B 141 -16.24 -17.83 -18.24
N ALA B 142 -17.33 -18.39 -17.72
CA ALA B 142 -18.04 -17.76 -16.62
C ALA B 142 -18.94 -18.81 -15.97
N PHE B 143 -19.19 -18.64 -14.68
CA PHE B 143 -20.05 -19.59 -13.98
C PHE B 143 -20.65 -18.94 -12.74
N ARG B 144 -21.85 -19.39 -12.41
CA ARG B 144 -22.43 -19.17 -11.10
C ARG B 144 -21.83 -20.18 -10.12
N PRO B 145 -21.43 -19.76 -8.92
CA PRO B 145 -20.80 -20.70 -7.98
C PRO B 145 -21.77 -21.78 -7.53
N ASP B 146 -21.29 -23.02 -7.51
CA ASP B 146 -22.05 -24.14 -6.98
C ASP B 146 -22.23 -23.95 -5.49
N LEU B 147 -23.46 -23.60 -5.06
CA LEU B 147 -23.72 -23.36 -3.65
C LEU B 147 -23.81 -24.63 -2.83
N SER B 148 -23.78 -25.80 -3.47
CA SER B 148 -23.79 -27.07 -2.76
C SER B 148 -22.40 -27.62 -2.52
N SER B 149 -21.36 -26.91 -2.97
CA SER B 149 -19.97 -27.35 -2.80
C SER B 149 -19.34 -26.66 -1.60
N ALA B 150 -18.40 -27.37 -0.97
CA ALA B 150 -17.65 -26.79 0.14
C ALA B 150 -16.67 -25.72 -0.32
N SER B 151 -16.45 -25.58 -1.63
CA SER B 151 -15.53 -24.56 -2.13
C SER B 151 -16.02 -23.16 -1.84
N PHE B 152 -17.34 -22.99 -1.70
CA PHE B 152 -17.93 -21.66 -1.58
C PHE B 152 -18.58 -21.44 -0.22
N GLN B 153 -18.42 -22.37 0.71
CA GLN B 153 -18.84 -22.15 2.09
C GLN B 153 -17.83 -21.26 2.80
N ARG B 154 -18.20 -20.80 3.99
CA ARG B 154 -17.30 -19.96 4.78
C ARG B 154 -16.06 -20.76 5.16
N PRO B 155 -14.85 -20.27 4.84
CA PRO B 155 -13.65 -21.09 5.05
C PRO B 155 -13.43 -21.44 6.52
N GLN B 156 -13.19 -22.72 6.77
CA GLN B 156 -12.76 -23.22 8.07
C GLN B 156 -11.24 -23.31 8.18
N SER B 157 -10.52 -23.19 7.06
CA SER B 157 -9.07 -23.17 7.06
C SER B 157 -8.57 -21.83 6.53
N GLU B 158 -7.39 -21.81 5.92
CA GLU B 158 -6.91 -20.58 5.29
C GLU B 158 -7.55 -20.38 3.92
N THR B 159 -7.71 -21.46 3.16
CA THR B 159 -8.39 -21.41 1.87
C THR B 159 -9.33 -22.61 1.76
N ASN B 160 -10.31 -22.49 0.86
CA ASN B 160 -11.17 -23.61 0.53
C ASN B 160 -10.59 -24.40 -0.63
N VAL B 161 -11.32 -25.44 -1.05
CA VAL B 161 -10.92 -26.21 -2.22
C VAL B 161 -11.09 -25.34 -3.47
N ALA B 162 -10.05 -25.26 -4.28
CA ALA B 162 -10.12 -24.49 -5.51
C ALA B 162 -11.18 -25.07 -6.44
N SER B 163 -11.95 -24.19 -7.07
CA SER B 163 -13.03 -24.65 -7.95
C SER B 163 -13.16 -23.70 -9.13
N GLY B 164 -13.38 -24.25 -10.32
CA GLY B 164 -13.52 -23.42 -11.50
C GLY B 164 -13.61 -24.18 -12.80
N CYS B 165 -12.67 -23.93 -13.70
CA CYS B 165 -12.69 -24.52 -15.04
C CYS B 165 -11.41 -25.30 -15.29
N PRO B 166 -11.44 -26.64 -15.27
CA PRO B 166 -10.22 -27.41 -15.58
C PRO B 166 -9.92 -27.52 -17.06
N LEU B 167 -10.93 -27.34 -17.93
CA LEU B 167 -10.73 -27.32 -19.37
C LEU B 167 -10.86 -25.89 -19.89
N PHE B 168 -10.18 -24.94 -19.25
CA PHE B 168 -10.39 -23.54 -19.58
C PHE B 168 -9.86 -23.20 -20.97
N PHE B 169 -8.71 -23.74 -21.34
CA PHE B 169 -8.12 -23.39 -22.61
C PHE B 169 -7.21 -24.49 -23.16
N PRO B 170 -7.38 -24.88 -24.42
CA PRO B 170 -6.52 -25.93 -24.99
C PRO B 170 -5.07 -25.48 -25.06
N LEU B 171 -4.17 -26.40 -24.70
CA LEU B 171 -2.73 -26.10 -24.75
C LEU B 171 -2.26 -25.86 -26.18
N SER B 172 -2.90 -26.49 -27.16
CA SER B 172 -2.47 -26.34 -28.55
C SER B 172 -2.75 -24.92 -29.06
N LYS B 173 -3.90 -24.34 -28.68
CA LYS B 173 -4.23 -23.00 -29.16
C LYS B 173 -3.31 -21.95 -28.55
N LEU B 174 -2.78 -22.20 -27.35
CA LEU B 174 -1.82 -21.28 -26.73
C LEU B 174 -0.54 -21.19 -27.54
N GLN B 175 -0.05 -22.34 -28.03
CA GLN B 175 1.16 -22.35 -28.84
C GLN B 175 0.93 -21.77 -30.23
N SER B 176 -0.32 -21.57 -30.64
CA SER B 176 -0.60 -21.24 -32.03
C SER B 176 -0.15 -19.81 -32.34
N PRO B 177 0.33 -19.55 -33.57
CA PRO B 177 0.88 -18.23 -33.88
C PRO B 177 -0.18 -17.16 -34.17
N LYS B 178 -1.34 -17.55 -34.69
CA LYS B 178 -2.33 -16.55 -35.12
C LYS B 178 -2.76 -15.67 -33.95
N HIS B 179 -2.94 -16.26 -32.78
CA HIS B 179 -3.27 -15.51 -31.58
C HIS B 179 -2.01 -15.18 -30.80
N ALA B 180 -2.08 -14.11 -30.02
CA ALA B 180 -0.95 -13.61 -29.25
C ALA B 180 -1.12 -13.86 -27.76
N TYR B 181 -1.66 -15.02 -27.38
CA TYR B 181 -1.91 -15.29 -25.97
C TYR B 181 -0.64 -15.26 -25.15
N VAL B 182 0.48 -15.69 -25.73
CA VAL B 182 1.79 -15.63 -25.08
C VAL B 182 2.67 -14.73 -25.94
N LYS B 183 2.81 -13.47 -25.54
CA LYS B 183 3.63 -12.49 -26.24
C LYS B 183 4.83 -12.16 -25.36
N ASP B 184 6.04 -12.34 -25.92
CA ASP B 184 7.29 -12.13 -25.18
C ASP B 184 7.32 -12.97 -23.91
N ASP B 185 6.84 -14.22 -24.02
CA ASP B 185 6.85 -15.17 -22.91
C ASP B 185 6.01 -14.67 -21.74
N THR B 186 4.87 -14.04 -22.04
CA THR B 186 4.02 -13.43 -21.02
C THR B 186 2.57 -13.54 -21.45
N MET B 187 1.71 -14.00 -20.53
CA MET B 187 0.28 -14.11 -20.78
C MET B 187 -0.49 -13.38 -19.71
N PHE B 188 -1.73 -13.01 -20.04
CA PHE B 188 -2.59 -12.22 -19.14
C PHE B 188 -3.91 -12.94 -18.93
N LEU B 189 -4.17 -13.33 -17.68
CA LEU B 189 -5.46 -13.89 -17.28
C LEU B 189 -6.23 -12.84 -16.50
N LYS B 190 -7.52 -12.70 -16.81
CA LYS B 190 -8.34 -11.66 -16.21
C LYS B 190 -9.54 -12.29 -15.50
N CYS B 191 -9.65 -12.08 -14.21
CA CYS B 191 -10.76 -12.55 -13.40
C CYS B 191 -11.67 -11.38 -13.07
N ILE B 192 -12.98 -11.57 -13.25
CA ILE B 192 -13.97 -10.56 -12.92
C ILE B 192 -15.03 -11.23 -12.05
N VAL B 193 -15.08 -10.86 -10.78
CA VAL B 193 -16.10 -11.33 -9.85
C VAL B 193 -17.18 -10.27 -9.76
N GLU B 194 -18.42 -10.67 -10.05
CA GLU B 194 -19.51 -9.70 -10.07
C GLU B 194 -19.85 -9.26 -8.66
N THR B 195 -20.19 -7.98 -8.52
CA THR B 195 -20.50 -7.39 -7.23
C THR B 195 -21.88 -6.75 -7.23
N GLN C 2 53.33 -9.67 16.64
CA GLN C 2 53.87 -8.80 17.67
C GLN C 2 52.93 -8.73 18.87
N SER C 3 53.52 -8.67 20.07
CA SER C 3 52.71 -8.55 21.28
C SER C 3 51.90 -7.26 21.28
N GLN C 4 52.53 -6.15 20.89
CA GLN C 4 51.83 -4.87 20.84
C GLN C 4 50.76 -4.87 19.75
N LEU C 5 51.10 -5.40 18.56
CA LEU C 5 50.15 -5.44 17.46
C LEU C 5 48.94 -6.29 17.81
N ASP C 6 49.14 -7.39 18.55
CA ASP C 6 48.03 -8.25 18.90
C ASP C 6 47.10 -7.59 19.91
N ARG C 7 47.66 -6.86 20.88
CA ARG C 7 46.83 -6.13 21.83
C ARG C 7 46.04 -5.03 21.13
N GLU C 8 46.71 -4.25 20.27
CA GLU C 8 46.03 -3.20 19.52
C GLU C 8 44.91 -3.77 18.67
N ARG C 9 45.17 -4.88 17.95
CA ARG C 9 44.16 -5.47 17.10
C ARG C 9 42.99 -6.02 17.91
N ILE C 10 43.27 -6.65 19.06
CA ILE C 10 42.20 -7.16 19.90
C ILE C 10 41.30 -6.03 20.39
N LEU C 11 41.90 -4.96 20.91
CA LEU C 11 41.12 -3.84 21.41
C LEU C 11 40.27 -3.21 20.30
N SER C 12 40.91 -2.89 19.16
CA SER C 12 40.16 -2.28 18.06
C SER C 12 39.06 -3.21 17.56
N LEU C 13 39.29 -4.52 17.58
CA LEU C 13 38.24 -5.46 17.19
C LEU C 13 37.08 -5.43 18.17
N GLU C 14 37.37 -5.28 19.47
CA GLU C 14 36.30 -5.12 20.44
C GLU C 14 35.46 -3.88 20.13
N GLN C 15 36.14 -2.76 19.85
CA GLN C 15 35.41 -1.54 19.48
C GLN C 15 34.54 -1.78 18.24
N ARG C 16 35.09 -2.46 17.24
CA ARG C 16 34.32 -2.73 16.03
C ARG C 16 33.08 -3.57 16.33
N VAL C 17 33.22 -4.58 17.19
CA VAL C 17 32.07 -5.42 17.55
C VAL C 17 31.01 -4.59 18.25
N VAL C 18 31.43 -3.66 19.13
CA VAL C 18 30.46 -2.79 19.78
C VAL C 18 29.70 -1.97 18.75
N GLU C 19 30.43 -1.33 17.82
CA GLU C 19 29.79 -0.56 16.77
C GLU C 19 28.78 -1.40 15.98
N LEU C 20 29.18 -2.62 15.62
CA LEU C 20 28.29 -3.50 14.86
C LEU C 20 27.02 -3.83 15.65
N GLN C 21 27.16 -4.12 16.94
CA GLN C 21 25.99 -4.44 17.75
C GLN C 21 25.03 -3.25 17.80
N GLN C 22 25.56 -2.06 18.04
CA GLN C 22 24.72 -0.87 18.12
C GLN C 22 23.97 -0.64 16.80
N THR C 23 24.71 -0.58 15.69
CA THR C 23 24.09 -0.29 14.40
C THR C 23 23.09 -1.37 14.02
N LEU C 24 23.42 -2.64 14.27
CA LEU C 24 22.50 -3.74 13.97
C LEU C 24 21.19 -3.58 14.75
N ALA C 25 21.29 -3.25 16.04
CA ALA C 25 20.09 -3.01 16.83
C ALA C 25 19.25 -1.88 16.23
N GLN C 26 19.90 -0.75 15.92
CA GLN C 26 19.17 0.40 15.41
C GLN C 26 18.44 0.06 14.11
N LYS C 27 19.13 -0.60 13.18
CA LYS C 27 18.48 -0.99 11.93
C LYS C 27 17.37 -2.00 12.16
N ASP C 28 17.49 -2.85 13.19
CA ASP C 28 16.39 -3.73 13.54
C ASP C 28 15.16 -2.94 13.96
N GLN C 29 15.35 -1.90 14.78
CA GLN C 29 14.23 -1.03 15.16
C GLN C 29 13.60 -0.39 13.92
N ALA C 30 14.44 0.13 13.02
CA ALA C 30 13.92 0.69 11.78
C ALA C 30 13.08 -0.33 11.01
N LEU C 31 13.52 -1.59 11.00
CA LEU C 31 12.77 -2.63 10.30
C LEU C 31 11.41 -2.86 10.96
N GLY C 32 11.37 -2.89 12.29
CA GLY C 32 10.09 -2.99 12.98
C GLY C 32 9.16 -1.85 12.61
N LYS C 33 9.68 -0.62 12.58
CA LYS C 33 8.87 0.52 12.19
C LYS C 33 8.32 0.35 10.78
N LEU C 34 9.14 -0.14 9.85
CA LEU C 34 8.66 -0.37 8.49
C LEU C 34 7.54 -1.40 8.46
N GLU C 35 7.68 -2.48 9.25
CA GLU C 35 6.62 -3.49 9.32
C GLU C 35 5.31 -2.86 9.78
N GLN C 36 5.35 -2.12 10.90
CA GLN C 36 4.14 -1.49 11.41
C GLN C 36 3.55 -0.52 10.39
N SER C 37 4.39 0.20 9.66
CA SER C 37 3.89 1.13 8.65
C SER C 37 3.17 0.40 7.53
N LEU C 38 3.74 -0.70 7.05
CA LEU C 38 3.07 -1.48 6.01
C LEU C 38 1.72 -2.01 6.51
N ARG C 39 1.68 -2.49 7.75
CA ARG C 39 0.40 -2.90 8.33
C ARG C 39 -0.59 -1.75 8.35
N LEU C 40 -0.12 -0.55 8.70
CA LEU C 40 -1.00 0.61 8.79
C LEU C 40 -1.58 0.98 7.44
N MET C 41 -0.74 1.02 6.40
CA MET C 41 -1.26 1.37 5.08
C MET C 41 -2.11 0.25 4.49
N GLU C 42 -1.90 -1.00 4.93
CA GLU C 42 -2.81 -2.07 4.53
C GLU C 42 -4.18 -1.89 5.18
N GLU C 43 -4.21 -1.44 6.44
CA GLU C 43 -5.48 -1.25 7.13
C GLU C 43 -6.22 0.01 6.71
N ALA C 44 -5.55 0.96 6.06
CA ALA C 44 -6.17 2.24 5.77
C ALA C 44 -7.22 2.13 4.68
N SER C 45 -8.23 3.00 4.75
CA SER C 45 -9.24 3.14 3.71
C SER C 45 -9.35 4.61 3.33
N PHE C 46 -9.89 4.87 2.14
CA PHE C 46 -9.83 6.22 1.57
C PHE C 46 -11.19 6.71 1.07
N ASP C 47 -12.29 6.13 1.56
CA ASP C 47 -13.62 6.50 1.08
C ASP C 47 -14.51 7.09 2.17
N GLY C 48 -13.97 7.35 3.36
CA GLY C 48 -14.75 7.87 4.46
C GLY C 48 -15.32 6.82 5.40
N THR C 49 -15.36 5.57 4.98
CA THR C 49 -15.82 4.47 5.82
C THR C 49 -14.63 3.62 6.27
N PHE C 50 -14.76 3.05 7.46
CA PHE C 50 -13.69 2.25 8.05
C PHE C 50 -14.30 1.17 8.92
N LEU C 51 -13.87 -0.07 8.71
CA LEU C 51 -14.35 -1.22 9.48
C LEU C 51 -13.22 -1.70 10.38
N TRP C 52 -13.36 -1.42 11.67
CA TRP C 52 -12.37 -1.73 12.69
C TRP C 52 -12.74 -3.07 13.34
N LYS C 53 -11.86 -4.05 13.18
CA LYS C 53 -12.06 -5.38 13.75
C LYS C 53 -11.28 -5.48 15.05
N ILE C 54 -11.99 -5.77 16.14
CA ILE C 54 -11.40 -5.91 17.47
C ILE C 54 -11.44 -7.38 17.84
N THR C 55 -10.27 -7.99 17.96
CA THR C 55 -10.13 -9.39 18.31
C THR C 55 -9.77 -9.52 19.79
N ASN C 56 -10.10 -10.67 20.36
CA ASN C 56 -9.84 -10.98 21.77
C ASN C 56 -10.48 -9.92 22.68
N VAL C 57 -11.80 -9.78 22.52
CA VAL C 57 -12.52 -8.68 23.18
C VAL C 57 -12.56 -8.88 24.69
N THR C 58 -12.63 -10.13 25.17
CA THR C 58 -12.64 -10.36 26.61
C THR C 58 -11.32 -9.97 27.23
N ARG C 59 -10.20 -10.41 26.65
CA ARG C 59 -8.88 -10.08 27.16
C ARG C 59 -8.66 -8.58 27.15
N ARG C 60 -8.95 -7.92 26.03
CA ARG C 60 -8.75 -6.48 25.93
C ARG C 60 -9.65 -5.72 26.89
N CYS C 61 -10.89 -6.18 27.06
CA CYS C 61 -11.80 -5.53 28.01
C CYS C 61 -11.28 -5.65 29.43
N HIS C 62 -10.74 -6.82 29.78
CA HIS C 62 -10.13 -6.97 31.10
C HIS C 62 -8.89 -6.11 31.25
N GLU C 63 -8.16 -5.89 30.15
CA GLU C 63 -7.01 -4.97 30.22
C GLU C 63 -7.47 -3.54 30.43
N SER C 64 -8.60 -3.16 29.84
CA SER C 64 -9.12 -1.81 30.02
C SER C 64 -9.65 -1.62 31.44
N ALA C 65 -10.30 -2.64 32.00
CA ALA C 65 -10.79 -2.55 33.37
C ALA C 65 -9.64 -2.56 34.36
N CYS C 66 -8.58 -3.33 34.09
CA CYS C 66 -7.39 -3.32 34.93
C CYS C 66 -6.55 -2.06 34.73
N GLY C 67 -6.71 -1.38 33.60
CA GLY C 67 -5.94 -0.18 33.32
C GLY C 67 -4.65 -0.41 32.58
N ARG C 68 -4.36 -1.65 32.16
CA ARG C 68 -3.14 -1.91 31.41
C ARG C 68 -3.14 -1.18 30.07
N THR C 69 -4.29 -1.12 29.41
CA THR C 69 -4.48 -0.36 28.19
C THR C 69 -5.73 0.49 28.36
N VAL C 70 -5.55 1.80 28.57
CA VAL C 70 -6.68 2.66 28.88
C VAL C 70 -7.61 2.78 27.67
N SER C 71 -7.05 3.10 26.51
CA SER C 71 -7.84 3.24 25.29
C SER C 71 -7.08 2.61 24.13
N LEU C 72 -7.81 2.40 23.03
CA LEU C 72 -7.24 1.85 21.81
C LEU C 72 -7.42 2.86 20.68
N PHE C 73 -6.47 2.84 19.75
CA PHE C 73 -6.50 3.71 18.58
C PHE C 73 -6.58 2.86 17.32
N SER C 74 -7.49 3.23 16.43
CA SER C 74 -7.64 2.52 15.17
C SER C 74 -6.59 2.97 14.17
N PRO C 75 -6.31 2.17 13.15
CA PRO C 75 -5.46 2.66 12.05
C PRO C 75 -6.07 3.89 11.41
N ALA C 76 -5.21 4.75 10.87
CA ALA C 76 -5.68 5.98 10.26
C ALA C 76 -6.35 5.69 8.93
N PHE C 77 -7.55 6.22 8.74
CA PHE C 77 -8.25 6.18 7.45
C PHE C 77 -8.53 7.60 6.99
N TYR C 78 -9.03 7.71 5.77
CA TYR C 78 -9.16 9.00 5.11
C TYR C 78 -10.53 9.13 4.46
N THR C 79 -11.01 10.38 4.39
CA THR C 79 -12.25 10.64 3.66
C THR C 79 -12.03 10.55 2.16
N ALA C 80 -10.85 10.94 1.68
CA ALA C 80 -10.49 10.79 0.28
C ALA C 80 -9.00 10.51 0.19
N LYS C 81 -8.52 10.26 -1.03
CA LYS C 81 -7.09 10.09 -1.24
C LYS C 81 -6.31 11.31 -0.74
N TYR C 82 -6.89 12.50 -0.89
CA TYR C 82 -6.26 13.73 -0.43
C TYR C 82 -7.19 14.49 0.51
N GLY C 83 -7.97 13.78 1.32
CA GLY C 83 -8.93 14.37 2.24
C GLY C 83 -8.41 14.43 3.66
N TYR C 84 -9.31 14.24 4.60
CA TYR C 84 -8.97 14.35 6.02
C TYR C 84 -8.40 13.03 6.53
N LYS C 85 -7.30 13.12 7.27
CA LYS C 85 -6.77 11.97 7.98
C LYS C 85 -7.53 11.81 9.30
N LEU C 86 -8.11 10.62 9.50
CA LEU C 86 -8.93 10.36 10.67
C LEU C 86 -8.49 9.07 11.34
N CYS C 87 -8.86 8.91 12.60
CA CYS C 87 -8.77 7.61 13.25
C CYS C 87 -9.83 7.55 14.35
N LEU C 88 -9.84 6.45 15.08
CA LEU C 88 -10.82 6.23 16.14
C LEU C 88 -10.10 5.99 17.46
N ARG C 89 -10.76 6.37 18.55
CA ARG C 89 -10.29 6.06 19.90
C ARG C 89 -11.43 5.35 20.63
N LEU C 90 -11.13 4.17 21.17
CA LEU C 90 -12.13 3.29 21.76
C LEU C 90 -11.81 3.05 23.22
N TYR C 91 -12.77 3.35 24.09
CA TYR C 91 -12.67 3.07 25.52
C TYR C 91 -13.62 1.92 25.83
N LEU C 92 -13.04 0.74 26.07
CA LEU C 92 -13.83 -0.42 26.47
C LEU C 92 -14.40 -0.25 27.87
N ASN C 93 -13.56 0.19 28.81
CA ASN C 93 -14.05 0.53 30.13
C ASN C 93 -14.99 1.73 30.07
N GLY C 94 -14.65 2.72 29.25
CA GLY C 94 -15.45 3.92 29.15
C GLY C 94 -14.68 5.16 29.53
N ASP C 95 -15.10 6.31 29.03
CA ASP C 95 -14.45 7.57 29.32
C ASP C 95 -15.46 8.57 29.87
N GLY C 96 -15.08 9.25 30.95
CA GLY C 96 -15.92 10.30 31.50
C GLY C 96 -17.23 9.77 32.01
N THR C 97 -18.33 10.30 31.48
CA THR C 97 -19.66 9.86 31.91
C THR C 97 -19.88 8.40 31.57
N GLY C 98 -19.40 7.95 30.42
CA GLY C 98 -19.54 6.56 30.04
C GLY C 98 -18.60 5.61 30.76
N LYS C 99 -17.75 6.11 31.65
CA LYS C 99 -16.75 5.27 32.30
C LYS C 99 -17.41 4.16 33.11
N ARG C 100 -16.90 2.95 32.94
CA ARG C 100 -17.29 1.73 33.66
C ARG C 100 -18.70 1.27 33.30
N THR C 101 -19.43 1.98 32.45
CA THR C 101 -20.80 1.62 32.15
C THR C 101 -21.04 1.45 30.65
N HIS C 102 -20.27 2.14 29.82
CA HIS C 102 -20.54 2.13 28.38
C HIS C 102 -19.23 2.04 27.60
N LEU C 103 -19.37 1.62 26.35
CA LEU C 103 -18.31 1.75 25.34
C LEU C 103 -18.26 3.21 24.89
N SER C 104 -17.11 3.85 25.02
CA SER C 104 -16.96 5.25 24.63
C SER C 104 -16.19 5.32 23.33
N LEU C 105 -16.80 5.90 22.29
CA LEU C 105 -16.23 5.86 20.95
C LEU C 105 -16.04 7.29 20.44
N PHE C 106 -14.80 7.67 20.17
CA PHE C 106 -14.48 9.01 19.72
C PHE C 106 -13.78 8.96 18.37
N ILE C 107 -13.96 10.02 17.59
CA ILE C 107 -13.21 10.18 16.35
C ILE C 107 -12.08 11.17 16.61
N VAL C 108 -10.99 10.99 15.87
CA VAL C 108 -9.78 11.78 16.03
C VAL C 108 -9.43 12.39 14.67
N ILE C 109 -9.44 13.70 14.61
CA ILE C 109 -8.91 14.43 13.47
C ILE C 109 -7.38 14.44 13.57
N MET C 110 -6.72 13.99 12.52
CA MET C 110 -5.27 13.89 12.51
C MET C 110 -4.70 14.83 11.46
N ARG C 111 -3.44 15.23 11.66
CA ARG C 111 -2.77 16.15 10.76
C ARG C 111 -2.47 15.51 9.42
N GLY C 112 -3.40 15.63 8.47
CA GLY C 112 -3.18 15.09 7.16
C GLY C 112 -2.14 15.89 6.38
N GLU C 113 -1.49 15.21 5.43
CA GLU C 113 -0.45 15.84 4.63
C GLU C 113 -0.97 16.94 3.71
N TYR C 114 -2.28 17.14 3.65
CA TYR C 114 -2.87 18.13 2.74
C TYR C 114 -3.87 19.02 3.46
N ASP C 115 -3.71 19.20 4.77
CA ASP C 115 -4.64 20.02 5.56
C ASP C 115 -4.70 21.46 5.07
N ALA C 116 -3.67 21.92 4.36
CA ALA C 116 -3.66 23.30 3.89
C ALA C 116 -4.70 23.53 2.79
N LEU C 117 -5.05 22.49 2.04
CA LEU C 117 -5.99 22.59 0.93
C LEU C 117 -7.41 22.22 1.31
N LEU C 118 -7.64 21.80 2.54
CA LEU C 118 -8.96 21.41 2.97
C LEU C 118 -9.62 22.53 3.77
N PRO C 119 -10.94 22.69 3.67
CA PRO C 119 -11.62 23.71 4.47
C PRO C 119 -11.69 23.31 5.93
N TRP C 120 -11.61 24.31 6.79
CA TRP C 120 -11.72 24.12 8.23
C TRP C 120 -12.75 25.07 8.82
N PRO C 121 -13.41 24.68 9.92
CA PRO C 121 -13.22 23.43 10.67
C PRO C 121 -13.87 22.20 10.03
N PHE C 122 -13.52 21.03 10.56
CA PHE C 122 -14.14 19.79 10.11
C PHE C 122 -15.64 19.83 10.38
N ARG C 123 -16.44 19.50 9.36
CA ARG C 123 -17.88 19.59 9.49
C ARG C 123 -18.62 18.39 8.90
N ASN C 124 -17.90 17.33 8.51
CA ASN C 124 -18.55 16.17 7.90
C ASN C 124 -19.21 15.31 8.96
N LYS C 125 -20.46 14.93 8.72
CA LYS C 125 -21.21 14.11 9.66
C LYS C 125 -20.52 12.76 9.85
N VAL C 126 -20.42 12.34 11.11
CA VAL C 126 -19.72 11.11 11.48
C VAL C 126 -20.73 10.14 12.07
N THR C 127 -20.65 8.88 11.64
CA THR C 127 -21.57 7.83 12.05
C THR C 127 -20.77 6.67 12.64
N PHE C 128 -21.08 6.31 13.88
CA PHE C 128 -20.50 5.15 14.54
C PHE C 128 -21.51 4.03 14.60
N MET C 129 -21.03 2.79 14.40
CA MET C 129 -21.88 1.61 14.44
C MET C 129 -21.15 0.48 15.15
N LEU C 130 -21.85 -0.19 16.05
CA LEU C 130 -21.44 -1.49 16.56
C LEU C 130 -22.23 -2.55 15.80
N LEU C 131 -21.51 -3.40 15.06
CA LEU C 131 -22.14 -4.33 14.13
C LEU C 131 -22.54 -5.61 14.85
N ASP C 132 -23.80 -6.00 14.70
CA ASP C 132 -24.27 -7.28 15.18
C ASP C 132 -23.93 -8.34 14.15
N GLN C 133 -23.11 -9.32 14.55
CA GLN C 133 -22.68 -10.36 13.63
C GLN C 133 -23.81 -11.32 13.24
N ASN C 134 -25.00 -11.16 13.83
CA ASN C 134 -26.18 -11.91 13.43
C ASN C 134 -27.12 -11.09 12.55
N ASN C 135 -26.79 -9.82 12.28
CA ASN C 135 -27.56 -8.95 11.40
C ASN C 135 -28.99 -8.75 11.89
N ARG C 136 -29.16 -8.69 13.21
CA ARG C 136 -30.47 -8.40 13.78
C ARG C 136 -30.67 -6.90 14.04
N GLU C 137 -29.72 -6.27 14.73
CA GLU C 137 -29.84 -4.85 15.06
C GLU C 137 -28.46 -4.29 15.34
N HIS C 138 -28.02 -3.34 14.51
CA HIS C 138 -26.75 -2.65 14.74
C HIS C 138 -26.97 -1.44 15.64
N ALA C 139 -25.95 -1.13 16.44
CA ALA C 139 -25.99 0.02 17.33
C ALA C 139 -25.45 1.24 16.59
N ILE C 140 -26.34 2.16 16.23
CA ILE C 140 -26.00 3.28 15.37
C ILE C 140 -26.11 4.58 16.17
N ASP C 141 -25.05 5.39 16.11
CA ASP C 141 -25.10 6.76 16.57
C ASP C 141 -24.44 7.64 15.51
N ALA C 142 -24.70 8.94 15.58
CA ALA C 142 -24.18 9.86 14.58
C ALA C 142 -24.18 11.27 15.14
N PHE C 143 -23.28 12.11 14.62
CA PHE C 143 -23.21 13.49 15.06
C PHE C 143 -22.64 14.36 13.95
N ARG C 144 -23.01 15.64 14.00
CA ARG C 144 -22.40 16.71 13.23
C ARG C 144 -21.28 17.32 14.05
N PRO C 145 -20.09 17.56 13.47
CA PRO C 145 -18.98 18.08 14.27
C PRO C 145 -19.28 19.45 14.86
N ASP C 146 -18.91 19.61 16.13
CA ASP C 146 -19.05 20.89 16.81
C ASP C 146 -17.98 21.84 16.30
N LEU C 147 -18.39 22.90 15.60
CA LEU C 147 -17.43 23.79 14.96
C LEU C 147 -16.66 24.61 15.99
N SER C 148 -17.27 24.92 17.13
CA SER C 148 -16.61 25.75 18.14
C SER C 148 -15.59 24.97 18.97
N SER C 149 -15.49 23.66 18.79
CA SER C 149 -14.54 22.84 19.52
C SER C 149 -13.21 22.78 18.78
N ALA C 150 -12.11 22.83 19.55
CA ALA C 150 -10.79 22.76 18.95
C ALA C 150 -10.44 21.36 18.44
N SER C 151 -11.27 20.36 18.75
CA SER C 151 -11.02 19.01 18.26
C SER C 151 -11.27 18.89 16.76
N PHE C 152 -12.06 19.80 16.18
CA PHE C 152 -12.41 19.73 14.76
C PHE C 152 -11.77 20.85 13.96
N GLN C 153 -10.75 21.50 14.50
CA GLN C 153 -10.01 22.52 13.77
C GLN C 153 -8.82 21.87 13.06
N ARG C 154 -8.07 22.66 12.30
CA ARG C 154 -6.89 22.14 11.63
C ARG C 154 -5.86 21.73 12.67
N PRO C 155 -5.39 20.48 12.66
CA PRO C 155 -4.49 20.02 13.72
C PRO C 155 -3.18 20.81 13.74
N GLN C 156 -2.80 21.25 14.95
CA GLN C 156 -1.50 21.86 15.15
C GLN C 156 -0.41 20.80 15.30
N SER C 157 -0.64 19.83 16.18
CA SER C 157 0.25 18.69 16.34
C SER C 157 -0.24 17.57 15.41
N GLU C 158 0.25 16.35 15.63
CA GLU C 158 -0.17 15.23 14.80
C GLU C 158 -1.59 14.76 15.11
N THR C 159 -2.21 15.27 16.17
CA THR C 159 -3.53 14.77 16.57
C THR C 159 -4.23 15.83 17.39
N ASN C 160 -5.54 15.96 17.18
CA ASN C 160 -6.38 16.78 18.03
C ASN C 160 -6.91 15.93 19.20
N VAL C 161 -7.53 16.62 20.16
CA VAL C 161 -8.17 15.92 21.27
C VAL C 161 -9.34 15.12 20.73
N ALA C 162 -9.38 13.82 21.07
CA ALA C 162 -10.42 12.94 20.55
C ALA C 162 -11.81 13.46 20.95
N SER C 163 -12.70 13.50 19.96
CA SER C 163 -14.06 13.99 20.18
C SER C 163 -15.04 13.02 19.54
N GLY C 164 -16.05 12.62 20.30
CA GLY C 164 -17.04 11.69 19.80
C GLY C 164 -18.20 11.53 20.75
N CYS C 165 -18.67 10.30 20.92
CA CYS C 165 -19.73 10.02 21.88
C CYS C 165 -19.24 9.03 22.91
N PRO C 166 -19.02 9.46 24.15
CA PRO C 166 -19.07 8.53 25.28
C PRO C 166 -20.52 8.06 25.46
N LEU C 167 -20.68 7.02 26.27
CA LEU C 167 -21.98 6.36 26.42
C LEU C 167 -22.48 5.82 25.08
N PHE C 168 -21.55 5.50 24.18
CA PHE C 168 -21.95 5.03 22.85
C PHE C 168 -22.72 3.73 22.93
N PHE C 169 -22.39 2.87 23.89
CA PHE C 169 -23.05 1.57 23.98
C PHE C 169 -22.87 0.96 25.36
N PRO C 170 -23.94 0.68 26.08
CA PRO C 170 -23.81 0.10 27.42
C PRO C 170 -23.20 -1.29 27.37
N LEU C 171 -22.31 -1.57 28.34
CA LEU C 171 -21.66 -2.87 28.39
C LEU C 171 -22.64 -4.00 28.70
N SER C 172 -23.82 -3.68 29.24
CA SER C 172 -24.82 -4.71 29.50
C SER C 172 -25.37 -5.27 28.19
N LYS C 173 -25.52 -4.43 27.17
CA LYS C 173 -26.07 -4.85 25.90
C LYS C 173 -25.08 -5.65 25.05
N LEU C 174 -23.79 -5.69 25.43
CA LEU C 174 -22.84 -6.53 24.72
C LEU C 174 -23.27 -7.99 24.74
N GLN C 175 -23.57 -8.51 25.92
CA GLN C 175 -24.08 -9.87 26.07
C GLN C 175 -25.61 -9.85 26.08
N SER C 176 -26.17 -9.41 24.95
CA SER C 176 -27.60 -9.25 24.79
C SER C 176 -28.26 -10.58 24.40
N PRO C 177 -29.49 -10.83 24.87
CA PRO C 177 -30.13 -12.12 24.60
C PRO C 177 -30.65 -12.22 23.17
N LYS C 178 -31.17 -11.11 22.65
CA LYS C 178 -31.70 -11.11 21.28
C LYS C 178 -30.60 -11.30 20.25
N HIS C 179 -29.39 -10.81 20.54
CA HIS C 179 -28.28 -10.87 19.59
C HIS C 179 -26.99 -10.47 20.31
N ALA C 180 -25.91 -11.18 20.02
CA ALA C 180 -24.62 -10.93 20.64
C ALA C 180 -23.74 -10.15 19.66
N TYR C 181 -23.30 -8.96 20.07
CA TYR C 181 -22.39 -8.18 19.24
C TYR C 181 -20.97 -8.73 19.28
N VAL C 182 -20.58 -9.39 20.37
CA VAL C 182 -19.30 -10.06 20.47
C VAL C 182 -19.52 -11.53 20.12
N LYS C 183 -18.89 -11.97 19.04
CA LYS C 183 -19.01 -13.35 18.57
C LYS C 183 -17.63 -13.87 18.23
N ASP C 184 -17.31 -15.05 18.75
CA ASP C 184 -15.96 -15.64 18.64
C ASP C 184 -14.91 -14.69 19.21
N ASP C 185 -15.30 -13.98 20.28
CA ASP C 185 -14.41 -13.05 20.99
C ASP C 185 -13.94 -11.90 20.11
N THR C 186 -14.76 -11.52 19.14
CA THR C 186 -14.44 -10.42 18.23
C THR C 186 -15.67 -9.55 18.05
N MET C 187 -15.43 -8.26 17.78
CA MET C 187 -16.51 -7.33 17.46
C MET C 187 -16.04 -6.38 16.38
N PHE C 188 -17.02 -5.74 15.71
CA PHE C 188 -16.75 -4.89 14.55
C PHE C 188 -17.37 -3.53 14.75
N LEU C 189 -16.55 -2.49 14.69
CA LEU C 189 -17.01 -1.10 14.73
C LEU C 189 -16.89 -0.52 13.33
N LYS C 190 -17.89 0.25 12.90
CA LYS C 190 -17.89 0.81 11.56
C LYS C 190 -18.13 2.32 11.65
N CYS C 191 -17.22 3.09 11.05
CA CYS C 191 -17.33 4.54 11.01
C CYS C 191 -17.61 4.98 9.58
N ILE C 192 -18.60 5.85 9.40
CA ILE C 192 -18.99 6.35 8.10
C ILE C 192 -18.99 7.88 8.19
N VAL C 193 -18.08 8.51 7.46
CA VAL C 193 -17.97 9.98 7.45
C VAL C 193 -18.52 10.49 6.12
N GLU C 194 -19.35 11.52 6.19
CA GLU C 194 -19.99 12.09 5.01
C GLU C 194 -18.95 12.67 4.06
N THR C 195 -18.61 11.93 3.01
CA THR C 195 -17.64 12.41 2.03
C THR C 195 -18.25 13.39 1.04
N SER C 196 -19.57 13.37 0.87
CA SER C 196 -20.28 14.25 -0.06
C SER C 196 -19.71 14.13 -1.47
N VAL D 2 0.17 21.63 -26.31
CA VAL D 2 1.40 22.41 -26.20
C VAL D 2 2.57 21.62 -25.58
N PRO D 3 2.71 20.32 -25.88
CA PRO D 3 3.80 19.57 -25.25
C PRO D 3 5.13 19.95 -25.89
N ILE D 4 6.13 20.17 -25.04
CA ILE D 4 7.47 20.51 -25.49
C ILE D 4 8.43 19.45 -24.96
N GLN D 5 9.22 18.89 -25.87
CA GLN D 5 10.19 17.87 -25.48
C GLN D 5 11.17 18.44 -24.47
N CYS D 6 11.36 17.72 -23.37
CA CYS D 6 12.24 18.18 -22.31
C CYS D 6 13.67 18.31 -22.82
N THR D 7 14.30 19.43 -22.50
CA THR D 7 15.66 19.70 -22.96
C THR D 7 16.62 19.89 -21.78
N VAL E 2 -21.18 -25.15 -14.78
CA VAL E 2 -20.68 -26.09 -13.78
C VAL E 2 -19.24 -25.79 -13.40
N PRO E 3 -19.03 -25.24 -12.20
CA PRO E 3 -17.68 -25.15 -11.65
C PRO E 3 -17.26 -26.49 -11.05
N ILE E 4 -16.05 -26.92 -11.39
CA ILE E 4 -15.53 -28.21 -10.96
C ILE E 4 -14.37 -27.98 -9.99
N GLN E 5 -14.37 -28.73 -8.90
CA GLN E 5 -13.31 -28.59 -7.90
C GLN E 5 -11.97 -29.05 -8.43
N CYS E 6 -10.91 -28.42 -7.93
CA CYS E 6 -9.55 -28.84 -8.19
C CYS E 6 -9.20 -30.07 -7.36
N THR E 7 -8.20 -30.82 -7.84
CA THR E 7 -7.76 -32.01 -7.11
C THR E 7 -6.97 -31.67 -5.85
N ASP E 8 -6.62 -30.40 -5.65
CA ASP E 8 -5.90 -29.91 -4.48
C ASP E 8 -4.76 -30.83 -4.04
N SER F 1 -26.67 14.42 18.69
CA SER F 1 -25.76 14.57 17.56
C SER F 1 -24.79 15.72 17.77
N VAL F 2 -24.37 15.91 19.01
CA VAL F 2 -23.38 16.91 19.40
C VAL F 2 -22.17 16.16 19.96
N PRO F 3 -20.95 16.43 19.47
CA PRO F 3 -19.78 15.72 20.00
C PRO F 3 -19.50 16.07 21.45
N ILE F 4 -18.93 15.10 22.16
CA ILE F 4 -18.48 15.28 23.54
C ILE F 4 -17.02 14.87 23.58
N GLN F 5 -16.14 15.84 23.89
CA GLN F 5 -14.71 15.58 23.84
C GLN F 5 -14.31 14.51 24.86
N CYS F 6 -13.13 13.94 24.63
CA CYS F 6 -12.58 12.92 25.51
C CYS F 6 -11.77 13.57 26.63
N THR F 7 -11.40 12.74 27.62
CA THR F 7 -10.63 13.24 28.76
C THR F 7 -9.22 13.69 28.36
N ASP F 8 -8.75 13.27 27.18
CA ASP F 8 -7.40 13.57 26.71
C ASP F 8 -6.37 12.97 27.65
#